data_2Z7A
#
_entry.id   2Z7A
#
_cell.length_a   38.968
_cell.length_b   83.239
_cell.length_c   164.691
_cell.angle_alpha   90.00
_cell.angle_beta   90.00
_cell.angle_gamma   90.00
#
_symmetry.space_group_name_H-M   'P 21 21 21'
#
loop_
_entity.id
_entity.type
_entity.pdbx_description
1 polymer 'Putative steroid isomerase'
2 non-polymer 'ACETATE ION'
3 water water
#
_entity_poly.entity_id   1
_entity_poly.type   'polypeptide(L)'
_entity_poly.pdbx_seq_one_letter_code
;MTQTTQSPALIASQSSWRCVQAHDREGWLALMADDVVIEDPIGKSVTNPDGSGIKGKEAVGAFFDTHIAANRLTVTCEET
FPSSSPDEIAHILVLHSEFDGGFTSEVRGVFTYRVNKAGLITNMRGYWNLDMMTFGNQE
;
_entity_poly.pdbx_strand_id   A,B,C,D
#
# COMPACT_ATOMS: atom_id res chain seq x y z
N THR A 4 36.94 2.01 -14.52
CA THR A 4 35.54 2.11 -14.03
C THR A 4 34.55 1.81 -15.19
N THR A 5 34.54 0.54 -15.64
CA THR A 5 33.74 0.12 -16.83
C THR A 5 32.30 -0.31 -16.46
N GLN A 6 31.34 0.28 -17.17
CA GLN A 6 29.90 0.14 -16.92
C GLN A 6 29.40 -1.06 -17.68
N SER A 7 28.29 -1.66 -17.24
CA SER A 7 27.77 -2.87 -17.97
C SER A 7 27.21 -2.47 -19.32
N PRO A 8 27.08 -3.41 -20.26
CA PRO A 8 26.32 -3.12 -21.48
C PRO A 8 24.90 -2.63 -21.21
N ALA A 9 24.19 -3.23 -20.25
CA ALA A 9 22.82 -2.78 -19.97
C ALA A 9 22.85 -1.35 -19.45
N LEU A 10 23.84 -1.03 -18.62
CA LEU A 10 23.85 0.34 -18.05
C LEU A 10 24.25 1.43 -19.14
N ILE A 11 25.22 1.13 -19.95
CA ILE A 11 25.61 1.99 -21.09
C ILE A 11 24.39 2.25 -22.03
N ALA A 12 23.70 1.17 -22.36
CA ALA A 12 22.55 1.24 -23.29
C ALA A 12 21.46 2.09 -22.71
N SER A 13 21.16 1.90 -21.45
CA SER A 13 20.06 2.71 -20.89
C SER A 13 20.42 4.19 -20.67
N GLN A 14 21.63 4.51 -20.25
CA GLN A 14 21.99 5.91 -20.20
C GLN A 14 22.01 6.56 -21.61
N SER A 15 22.48 5.84 -22.62
CA SER A 15 22.61 6.36 -23.95
C SER A 15 21.21 6.60 -24.48
N SER A 16 20.29 5.71 -24.14
CA SER A 16 18.96 5.84 -24.69
C SER A 16 18.24 7.07 -24.11
N TRP A 17 18.39 7.33 -22.80
CA TRP A 17 17.89 8.60 -22.21
C TRP A 17 18.49 9.86 -22.89
N ARG A 18 19.78 9.83 -23.12
CA ARG A 18 20.49 10.92 -23.77
C ARG A 18 19.91 11.19 -25.16
N CYS A 19 19.71 10.12 -25.94
CA CYS A 19 19.23 10.25 -27.32
C CYS A 19 17.82 10.74 -27.31
N VAL A 20 16.96 10.27 -26.42
CA VAL A 20 15.57 10.74 -26.44
C VAL A 20 15.42 12.22 -26.07
N GLN A 21 16.24 12.65 -25.12
CA GLN A 21 16.17 14.02 -24.70
C GLN A 21 16.82 14.91 -25.73
N ALA A 22 17.88 14.44 -26.40
CA ALA A 22 18.52 15.17 -27.49
C ALA A 22 17.63 15.23 -28.78
N HIS A 23 16.46 14.59 -28.74
CA HIS A 23 15.65 14.31 -29.89
C HIS A 23 16.50 13.71 -31.01
N ASP A 24 17.31 12.71 -30.69
CA ASP A 24 18.22 12.12 -31.68
C ASP A 24 17.67 10.72 -32.09
N ARG A 25 16.81 10.69 -33.11
CA ARG A 25 16.07 9.47 -33.51
C ARG A 25 17.05 8.46 -33.99
N GLU A 26 17.97 8.86 -34.88
CA GLU A 26 18.84 7.82 -35.47
C GLU A 26 19.85 7.25 -34.42
N GLY A 27 20.34 8.08 -33.51
CA GLY A 27 21.25 7.62 -32.44
C GLY A 27 20.50 6.72 -31.48
N TRP A 28 19.28 7.08 -31.14
CA TRP A 28 18.40 6.17 -30.42
C TRP A 28 18.15 4.82 -31.08
N LEU A 29 17.75 4.84 -32.35
CA LEU A 29 17.61 3.59 -33.09
C LEU A 29 18.89 2.77 -33.22
N ALA A 30 20.03 3.43 -33.39
CA ALA A 30 21.32 2.69 -33.40
C ALA A 30 21.58 1.89 -32.09
N LEU A 31 20.87 2.22 -31.03
CA LEU A 31 21.04 1.50 -29.75
C LEU A 31 20.25 0.17 -29.73
N MET A 32 19.38 -0.02 -30.73
CA MET A 32 18.34 -1.10 -30.73
C MET A 32 18.76 -2.26 -31.56
N ALA A 33 18.40 -3.48 -31.12
CA ALA A 33 18.55 -4.71 -31.91
C ALA A 33 17.47 -4.72 -33.00
N ASP A 34 17.65 -5.59 -34.00
CA ASP A 34 16.69 -5.76 -35.10
C ASP A 34 15.36 -6.38 -34.62
N ASP A 35 15.43 -7.10 -33.48
CA ASP A 35 14.22 -7.67 -32.87
C ASP A 35 13.76 -6.93 -31.62
N VAL A 36 14.06 -5.63 -31.57
CA VAL A 36 13.69 -4.81 -30.41
C VAL A 36 12.18 -4.77 -30.22
N VAL A 37 11.78 -4.78 -28.95
CA VAL A 37 10.39 -4.57 -28.57
C VAL A 37 10.35 -3.53 -27.42
N ILE A 38 9.61 -2.43 -27.62
CA ILE A 38 9.42 -1.37 -26.58
C ILE A 38 8.01 -1.44 -26.10
N GLU A 39 7.86 -1.73 -24.81
CA GLU A 39 6.59 -1.70 -24.14
C GLU A 39 6.64 -0.57 -23.14
N ASP A 40 6.24 0.61 -23.59
CA ASP A 40 6.30 1.80 -22.76
C ASP A 40 4.95 2.48 -22.76
N PRO A 41 4.06 2.08 -21.84
CA PRO A 41 4.18 1.11 -20.71
C PRO A 41 3.91 -0.33 -21.19
N ILE A 42 4.13 -1.30 -20.29
CA ILE A 42 3.62 -2.65 -20.49
C ILE A 42 2.11 -2.57 -20.36
N GLY A 43 1.41 -3.25 -21.27
CA GLY A 43 -0.02 -3.23 -21.23
C GLY A 43 -0.61 -2.26 -22.23
N LYS A 44 -1.90 -2.45 -22.53
CA LYS A 44 -2.67 -1.57 -23.44
C LYS A 44 -2.74 -0.15 -23.00
N SER A 45 -2.31 0.76 -23.89
CA SER A 45 -2.22 2.16 -23.58
C SER A 45 -2.06 2.97 -24.91
N VAL A 46 -2.15 4.30 -24.85
CA VAL A 46 -1.99 5.14 -26.05
C VAL A 46 -0.66 4.78 -26.74
N THR A 47 0.43 4.58 -25.97
CA THR A 47 1.77 4.32 -26.54
C THR A 47 2.09 2.85 -26.68
N ASN A 48 1.13 2.00 -26.30
CA ASN A 48 1.15 0.56 -26.54
C ASN A 48 -0.24 0.06 -26.95
N PRO A 49 -0.76 0.45 -28.16
CA PRO A 49 -2.22 0.31 -28.40
C PRO A 49 -2.74 -1.10 -28.27
N ASP A 50 -2.04 -2.10 -28.82
CA ASP A 50 -2.53 -3.49 -28.61
C ASP A 50 -1.90 -4.24 -27.44
N GLY A 51 -1.09 -3.54 -26.63
CA GLY A 51 -0.57 -4.14 -25.39
C GLY A 51 0.51 -5.15 -25.59
N SER A 52 1.03 -5.31 -26.83
CA SER A 52 2.10 -6.26 -27.07
C SER A 52 3.43 -5.57 -27.43
N GLY A 53 3.50 -4.26 -27.32
CA GLY A 53 4.80 -3.51 -27.48
C GLY A 53 4.90 -3.02 -28.91
N ILE A 54 5.84 -2.12 -29.14
CA ILE A 54 6.15 -1.56 -30.43
C ILE A 54 7.34 -2.41 -30.92
N LYS A 55 7.16 -3.09 -32.04
CA LYS A 55 8.11 -4.17 -32.42
C LYS A 55 8.88 -3.90 -33.69
N GLY A 56 10.21 -3.96 -33.59
CA GLY A 56 11.09 -3.67 -34.69
C GLY A 56 11.40 -2.23 -34.89
N LYS A 57 12.56 -1.99 -35.44
CA LYS A 57 13.11 -0.64 -35.61
C LYS A 57 12.27 0.35 -36.48
N GLU A 58 11.63 -0.14 -37.55
CA GLU A 58 10.71 0.74 -38.32
C GLU A 58 9.58 1.30 -37.46
N ALA A 59 8.83 0.41 -36.77
CA ALA A 59 7.79 0.89 -35.85
C ALA A 59 8.42 1.69 -34.69
N VAL A 60 9.63 1.36 -34.28
CA VAL A 60 10.25 2.10 -33.12
C VAL A 60 10.58 3.54 -33.55
N GLY A 61 11.12 3.67 -34.77
CA GLY A 61 11.32 5.00 -35.38
C GLY A 61 10.07 5.85 -35.50
N ALA A 62 8.99 5.24 -35.95
CA ALA A 62 7.65 5.85 -35.98
C ALA A 62 7.14 6.29 -34.60
N PHE A 63 7.24 5.38 -33.62
CA PHE A 63 6.98 5.75 -32.22
C PHE A 63 7.81 7.00 -31.81
N PHE A 64 9.08 7.01 -32.14
CA PHE A 64 9.87 8.20 -31.81
C PHE A 64 9.27 9.46 -32.50
N ASP A 65 8.80 9.32 -33.75
CA ASP A 65 8.29 10.44 -34.62
C ASP A 65 6.94 11.00 -34.17
N THR A 66 6.09 10.12 -33.64
CA THR A 66 4.84 10.51 -33.03
C THR A 66 4.95 11.00 -31.57
N HIS A 67 5.75 10.34 -30.74
CA HIS A 67 5.63 10.53 -29.30
C HIS A 67 6.79 11.29 -28.63
N ILE A 68 7.95 11.33 -29.26
CA ILE A 68 9.17 11.93 -28.69
C ILE A 68 9.68 13.15 -29.46
N ALA A 69 9.68 13.11 -30.81
CA ALA A 69 10.17 14.19 -31.68
C ALA A 69 9.46 15.46 -31.25
N ALA A 70 8.28 15.18 -30.72
CA ALA A 70 7.18 16.06 -30.56
C ALA A 70 7.34 16.87 -29.27
N ASN A 71 7.90 16.23 -28.24
CA ASN A 71 7.81 16.79 -26.91
C ASN A 71 9.12 17.10 -26.18
N ARG A 72 8.98 17.98 -25.24
CA ARG A 72 10.10 18.57 -24.57
C ARG A 72 10.33 17.67 -23.31
N LEU A 73 11.05 16.58 -23.53
CA LEU A 73 11.25 15.48 -22.56
C LEU A 73 12.53 15.64 -21.76
N THR A 74 12.35 15.59 -20.44
CA THR A 74 13.38 15.39 -19.44
C THR A 74 13.18 13.97 -18.77
N VAL A 75 14.21 13.12 -18.81
CA VAL A 75 14.27 11.94 -17.95
C VAL A 75 15.18 12.18 -16.72
N THR A 76 14.64 11.90 -15.52
CA THR A 76 15.41 11.90 -14.30
C THR A 76 15.54 10.43 -13.88
N CYS A 77 16.77 9.92 -13.78
CA CYS A 77 17.09 8.64 -13.14
C CYS A 77 17.16 8.80 -11.63
N GLU A 78 16.13 8.33 -10.94
CA GLU A 78 16.07 8.40 -9.48
C GLU A 78 16.94 7.32 -8.79
N GLU A 79 16.94 6.13 -9.38
CA GLU A 79 17.63 5.03 -8.74
C GLU A 79 17.80 3.92 -9.73
N THR A 80 18.96 3.25 -9.64
CA THR A 80 19.25 2.13 -10.51
C THR A 80 19.42 0.81 -9.72
N PHE A 81 18.87 -0.27 -10.29
CA PHE A 81 18.99 -1.61 -9.72
C PHE A 81 19.66 -2.58 -10.69
N PRO A 82 21.00 -2.76 -10.58
CA PRO A 82 21.70 -3.72 -11.43
C PRO A 82 21.14 -5.12 -11.06
N SER A 83 21.25 -6.09 -11.95
CA SER A 83 20.90 -7.47 -11.64
C SER A 83 22.26 -8.24 -11.52
N SER A 84 22.23 -9.57 -11.56
CA SER A 84 23.51 -10.28 -11.69
C SER A 84 23.89 -10.58 -13.11
N SER A 85 23.09 -10.05 -14.05
CA SER A 85 23.47 -10.16 -15.46
C SER A 85 24.00 -8.77 -15.92
N PRO A 86 25.16 -8.67 -16.60
CA PRO A 86 25.57 -7.37 -17.12
C PRO A 86 24.60 -6.90 -18.24
N ASP A 87 23.65 -7.75 -18.64
CA ASP A 87 22.84 -7.52 -19.80
C ASP A 87 21.43 -7.12 -19.46
N GLU A 88 21.09 -7.02 -18.18
CA GLU A 88 19.73 -6.60 -17.76
C GLU A 88 19.77 -5.71 -16.55
N ILE A 89 18.93 -4.68 -16.52
CA ILE A 89 18.98 -3.66 -15.51
C ILE A 89 17.61 -3.08 -15.34
N ALA A 90 17.32 -2.59 -14.13
CA ALA A 90 16.10 -1.85 -13.86
C ALA A 90 16.45 -0.45 -13.31
N HIS A 91 15.56 0.54 -13.55
CA HIS A 91 15.74 1.87 -13.00
C HIS A 91 14.44 2.36 -12.54
N ILE A 92 14.46 3.37 -11.64
CA ILE A 92 13.23 4.14 -11.32
C ILE A 92 13.47 5.46 -12.06
N LEU A 93 12.61 5.77 -13.05
CA LEU A 93 12.73 7.00 -13.82
C LEU A 93 11.54 7.90 -13.67
N VAL A 94 11.80 9.22 -13.67
CA VAL A 94 10.77 10.23 -13.85
C VAL A 94 10.91 10.79 -15.29
N LEU A 95 9.80 10.74 -16.01
CA LEU A 95 9.72 11.18 -17.39
C LEU A 95 8.91 12.48 -17.33
N HIS A 96 9.48 13.58 -17.75
CA HIS A 96 8.80 14.88 -17.54
C HIS A 96 8.62 15.53 -18.89
N SER A 97 7.40 15.87 -19.30
CA SER A 97 7.14 16.51 -20.60
C SER A 97 6.71 17.94 -20.46
N GLU A 98 7.29 18.82 -21.28
CA GLU A 98 6.93 20.25 -21.23
C GLU A 98 5.94 20.55 -22.35
N PHE A 99 4.88 21.29 -21.98
CA PHE A 99 3.82 21.78 -22.91
C PHE A 99 3.67 23.32 -22.82
N ASP A 100 2.88 23.92 -23.73
CA ASP A 100 2.71 25.41 -23.71
C ASP A 100 2.00 26.03 -22.49
N GLY A 101 2.45 27.24 -22.13
CA GLY A 101 1.88 27.95 -20.99
C GLY A 101 2.41 27.42 -19.67
N GLY A 102 3.55 26.73 -19.75
CA GLY A 102 4.19 26.11 -18.58
C GLY A 102 3.42 24.93 -17.99
N PHE A 103 2.49 24.38 -18.79
CA PHE A 103 1.78 23.14 -18.47
C PHE A 103 2.70 21.93 -18.74
N THR A 104 2.63 20.94 -17.86
CA THR A 104 3.54 19.80 -17.89
C THR A 104 2.84 18.49 -17.52
N SER A 105 3.45 17.37 -17.92
CA SER A 105 3.07 16.06 -17.37
C SER A 105 4.29 15.30 -16.81
N GLU A 106 4.04 14.39 -15.87
CA GLU A 106 5.10 13.59 -15.29
C GLU A 106 4.61 12.19 -15.04
N VAL A 107 5.45 11.21 -15.32
CA VAL A 107 5.13 9.89 -14.81
C VAL A 107 6.38 9.32 -14.18
N ARG A 108 6.24 8.74 -12.99
CA ARG A 108 7.36 8.05 -12.35
C ARG A 108 7.12 6.55 -12.36
N GLY A 109 8.09 5.75 -12.81
CA GLY A 109 7.87 4.31 -12.83
C GLY A 109 9.17 3.53 -12.88
N VAL A 110 9.01 2.20 -12.86
CA VAL A 110 10.07 1.27 -13.11
C VAL A 110 10.23 1.00 -14.62
N PHE A 111 11.49 0.97 -15.08
CA PHE A 111 11.83 0.69 -16.47
C PHE A 111 12.88 -0.33 -16.46
N THR A 112 12.64 -1.43 -17.15
CA THR A 112 13.65 -2.49 -17.34
C THR A 112 14.26 -2.53 -18.73
N TYR A 113 15.55 -2.89 -18.85
CA TYR A 113 16.17 -2.90 -20.14
C TYR A 113 16.88 -4.20 -20.24
N ARG A 114 16.79 -4.87 -21.40
CA ARG A 114 17.65 -5.98 -21.70
C ARG A 114 18.40 -5.77 -23.01
N VAL A 115 19.65 -6.17 -23.04
CA VAL A 115 20.43 -6.13 -24.25
C VAL A 115 20.87 -7.50 -24.71
N ASN A 116 21.07 -7.69 -26.03
CA ASN A 116 21.71 -8.91 -26.54
C ASN A 116 23.25 -9.00 -26.36
N LYS A 117 23.87 -10.06 -26.93
CA LYS A 117 25.30 -10.26 -26.83
C LYS A 117 26.09 -9.08 -27.38
N ALA A 118 25.52 -8.42 -28.37
CA ALA A 118 26.22 -7.32 -29.04
C ALA A 118 26.01 -6.01 -28.30
N GLY A 119 25.24 -6.01 -27.23
CA GLY A 119 25.07 -4.82 -26.44
C GLY A 119 23.89 -3.97 -26.88
N LEU A 120 23.08 -4.49 -27.82
CA LEU A 120 21.88 -3.78 -28.33
C LEU A 120 20.60 -4.09 -27.63
N ILE A 121 19.77 -3.06 -27.46
CA ILE A 121 18.49 -3.18 -26.76
C ILE A 121 17.51 -4.08 -27.48
N THR A 122 17.11 -5.15 -26.79
CA THR A 122 16.07 -6.05 -27.29
C THR A 122 14.79 -5.73 -26.65
N ASN A 123 14.82 -5.19 -25.42
CA ASN A 123 13.58 -4.94 -24.66
C ASN A 123 13.70 -3.72 -23.79
N MET A 124 12.68 -2.91 -23.77
CA MET A 124 12.58 -1.80 -22.81
C MET A 124 11.15 -1.79 -22.33
N ARG A 125 10.93 -1.91 -21.01
CA ARG A 125 9.60 -2.10 -20.50
C ARG A 125 9.32 -1.19 -19.35
N GLY A 126 8.16 -0.52 -19.37
CA GLY A 126 7.85 0.42 -18.34
C GLY A 126 6.64 0.03 -17.57
N TYR A 127 6.78 0.16 -16.24
CA TYR A 127 5.70 -0.13 -15.31
C TYR A 127 5.12 1.24 -14.92
N TRP A 128 4.11 1.69 -15.67
CA TRP A 128 3.28 2.82 -15.35
C TRP A 128 1.98 2.74 -16.15
N ASN A 129 1.03 3.58 -15.75
CA ASN A 129 -0.24 3.72 -16.44
C ASN A 129 -0.70 5.19 -16.41
N LEU A 130 -1.74 5.48 -17.15
CA LEU A 130 -2.22 6.84 -17.26
C LEU A 130 -2.69 7.40 -15.95
N ASP A 131 -3.21 6.56 -15.05
CA ASP A 131 -3.71 7.04 -13.76
C ASP A 131 -2.59 7.45 -12.77
N MET A 132 -1.36 6.99 -13.03
CA MET A 132 -0.17 7.37 -12.29
C MET A 132 0.44 8.72 -12.74
N MET A 133 0.02 9.21 -13.90
CA MET A 133 0.64 10.38 -14.53
C MET A 133 0.21 11.61 -13.79
N THR A 134 1.07 12.62 -13.67
CA THR A 134 0.60 13.84 -12.96
C THR A 134 0.86 15.02 -13.86
N PHE A 135 0.02 16.04 -13.69
CA PHE A 135 0.01 17.18 -14.59
C PHE A 135 0.08 18.47 -13.74
N GLY A 136 0.74 19.49 -14.29
CA GLY A 136 0.99 20.76 -13.57
C GLY A 136 1.47 21.90 -14.46
N GLN B 6 -8.34 -5.44 -6.65
CA GLN B 6 -6.88 -5.74 -6.86
C GLN B 6 -6.58 -6.62 -8.09
N SER B 7 -5.53 -6.22 -8.82
CA SER B 7 -5.13 -6.93 -10.01
C SER B 7 -4.64 -8.35 -9.74
N PRO B 8 -4.79 -9.24 -10.71
CA PRO B 8 -4.20 -10.57 -10.59
C PRO B 8 -2.67 -10.61 -10.28
N ALA B 9 -1.89 -9.74 -10.93
CA ALA B 9 -0.46 -9.59 -10.58
C ALA B 9 -0.22 -9.15 -9.13
N LEU B 10 -1.00 -8.22 -8.66
CA LEU B 10 -0.83 -7.76 -7.29
C LEU B 10 -1.24 -8.83 -6.28
N ILE B 11 -2.35 -9.53 -6.55
CA ILE B 11 -2.82 -10.61 -5.68
C ILE B 11 -1.78 -11.69 -5.58
N ALA B 12 -1.23 -12.07 -6.73
CA ALA B 12 -0.20 -13.08 -6.76
C ALA B 12 1.10 -12.72 -6.07
N SER B 13 1.63 -11.50 -6.29
CA SER B 13 2.86 -11.07 -5.60
C SER B 13 2.76 -11.13 -4.07
N GLN B 14 1.68 -10.58 -3.55
CA GLN B 14 1.38 -10.49 -2.15
C GLN B 14 1.07 -11.83 -1.50
N SER B 15 0.33 -12.70 -2.21
CA SER B 15 0.20 -14.08 -1.78
C SER B 15 1.52 -14.75 -1.74
N SER B 16 2.38 -14.50 -2.72
CA SER B 16 3.64 -15.21 -2.72
C SER B 16 4.50 -14.88 -1.48
N TRP B 17 4.49 -13.60 -1.07
CA TRP B 17 5.24 -13.18 0.14
C TRP B 17 4.67 -13.78 1.45
N ARG B 18 3.37 -13.71 1.63
CA ARG B 18 2.63 -14.51 2.62
C ARG B 18 3.20 -15.95 2.71
N CYS B 19 3.10 -16.72 1.61
CA CYS B 19 3.58 -18.11 1.58
C CYS B 19 5.09 -18.31 1.83
N VAL B 20 5.90 -17.34 1.42
CA VAL B 20 7.33 -17.43 1.67
C VAL B 20 7.59 -17.24 3.17
N GLN B 21 6.83 -16.35 3.78
CA GLN B 21 6.97 -16.07 5.20
C GLN B 21 6.44 -17.18 6.11
N ALA B 22 5.51 -17.98 5.60
CA ALA B 22 4.96 -19.04 6.42
C ALA B 22 5.61 -20.36 6.13
N HIS B 23 6.67 -20.38 5.30
CA HIS B 23 7.23 -21.64 4.75
C HIS B 23 6.12 -22.58 4.21
N ASP B 24 5.13 -22.01 3.56
CA ASP B 24 3.95 -22.75 3.10
C ASP B 24 4.24 -23.23 1.71
N ARG B 25 4.93 -24.35 1.61
CA ARG B 25 5.38 -24.86 0.34
C ARG B 25 4.25 -25.08 -0.70
N GLU B 26 3.20 -25.81 -0.26
CA GLU B 26 2.07 -26.13 -1.10
C GLU B 26 1.34 -24.85 -1.58
N GLY B 27 1.15 -23.89 -0.68
CA GLY B 27 0.48 -22.66 -0.99
C GLY B 27 1.29 -21.82 -1.98
N TRP B 28 2.60 -21.82 -1.81
CA TRP B 28 3.51 -21.10 -2.70
C TRP B 28 3.49 -21.74 -4.13
N LEU B 29 3.67 -23.05 -4.21
CA LEU B 29 3.66 -23.69 -5.52
C LEU B 29 2.29 -23.57 -6.20
N ALA B 30 1.24 -23.44 -5.40
CA ALA B 30 -0.10 -23.35 -5.99
C ALA B 30 -0.29 -22.01 -6.75
N LEU B 31 0.62 -21.05 -6.52
CA LEU B 31 0.55 -19.75 -7.15
C LEU B 31 1.19 -19.70 -8.54
N MET B 32 2.06 -20.66 -8.82
CA MET B 32 2.91 -20.80 -9.98
C MET B 32 2.21 -21.50 -11.12
N ALA B 33 2.40 -20.99 -12.35
CA ALA B 33 2.02 -21.71 -13.59
C ALA B 33 2.96 -22.90 -13.78
N ASP B 34 2.53 -23.95 -14.52
CA ASP B 34 3.41 -25.04 -14.87
C ASP B 34 4.71 -24.62 -15.58
N ASP B 35 4.69 -23.49 -16.27
CA ASP B 35 5.85 -23.04 -17.06
C ASP B 35 6.58 -21.88 -16.37
N VAL B 36 6.41 -21.76 -15.05
CA VAL B 36 6.97 -20.68 -14.23
C VAL B 36 8.49 -20.65 -14.39
N VAL B 37 9.05 -19.45 -14.49
CA VAL B 37 10.52 -19.28 -14.54
C VAL B 37 10.92 -18.30 -13.41
N ILE B 38 11.72 -18.80 -12.45
CA ILE B 38 12.17 -17.95 -11.37
C ILE B 38 13.57 -17.54 -11.65
N GLU B 39 13.74 -16.23 -11.74
CA GLU B 39 15.11 -15.70 -11.84
C GLU B 39 15.32 -14.75 -10.68
N ASP B 40 15.83 -15.29 -9.58
CA ASP B 40 16.03 -14.51 -8.37
C ASP B 40 17.45 -14.71 -7.82
N PRO B 41 18.46 -13.89 -8.26
CA PRO B 41 18.31 -12.71 -9.17
C PRO B 41 18.42 -13.11 -10.66
N ILE B 42 18.20 -12.13 -11.56
CA ILE B 42 18.45 -12.40 -12.96
C ILE B 42 19.97 -12.48 -13.09
N GLY B 43 20.45 -13.49 -13.81
CA GLY B 43 21.86 -13.65 -13.99
C GLY B 43 22.47 -14.74 -13.13
N LYS B 44 23.66 -15.19 -13.51
CA LYS B 44 24.37 -16.26 -12.81
C LYS B 44 24.62 -15.94 -11.35
N SER B 45 24.04 -16.75 -10.46
CA SER B 45 24.21 -16.60 -8.99
C SER B 45 23.99 -17.99 -8.32
N VAL B 46 24.20 -18.09 -7.01
CA VAL B 46 23.90 -19.31 -6.21
C VAL B 46 22.44 -19.76 -6.35
N THR B 47 21.53 -18.78 -6.34
CA THR B 47 20.04 -18.99 -6.46
C THR B 47 19.53 -18.95 -7.93
N ASN B 48 20.45 -18.72 -8.87
CA ASN B 48 20.17 -18.82 -10.30
C ASN B 48 21.39 -19.45 -10.95
N PRO B 49 21.66 -20.73 -10.65
CA PRO B 49 23.01 -21.22 -10.91
C PRO B 49 23.40 -21.33 -12.41
N ASP B 50 22.45 -21.40 -13.33
CA ASP B 50 22.79 -21.37 -14.78
C ASP B 50 22.56 -20.01 -15.47
N GLY B 51 22.13 -18.99 -14.71
CA GLY B 51 21.84 -17.68 -15.23
C GLY B 51 20.66 -17.60 -16.15
N SER B 52 19.90 -18.67 -16.30
CA SER B 52 18.70 -18.62 -17.13
C SER B 52 17.38 -18.95 -16.41
N GLY B 53 17.45 -19.09 -15.10
CA GLY B 53 16.22 -19.24 -14.39
C GLY B 53 15.98 -20.68 -14.02
N ILE B 54 15.24 -20.81 -12.94
CA ILE B 54 14.71 -22.08 -12.49
C ILE B 54 13.36 -22.26 -13.16
N LYS B 55 13.26 -23.30 -13.99
CA LYS B 55 12.07 -23.56 -14.79
C LYS B 55 11.23 -24.75 -14.28
N GLY B 56 9.94 -24.54 -14.00
CA GLY B 56 9.00 -25.63 -13.71
C GLY B 56 8.84 -25.86 -12.22
N LYS B 57 7.66 -26.33 -11.81
CA LYS B 57 7.34 -26.47 -10.36
C LYS B 57 8.14 -27.51 -9.53
N GLU B 58 8.63 -28.56 -10.17
CA GLU B 58 9.44 -29.56 -9.47
C GLU B 58 10.76 -28.87 -9.10
N ALA B 59 11.42 -28.25 -10.10
CA ALA B 59 12.68 -27.55 -9.83
C ALA B 59 12.42 -26.40 -8.89
N VAL B 60 11.29 -25.71 -9.05
CA VAL B 60 10.96 -24.56 -8.20
C VAL B 60 10.59 -25.03 -6.76
N GLY B 61 10.12 -26.26 -6.64
CA GLY B 61 9.88 -26.90 -5.33
C GLY B 61 11.20 -27.13 -4.59
N ALA B 62 12.15 -27.73 -5.28
CA ALA B 62 13.51 -27.89 -4.80
C ALA B 62 14.20 -26.57 -4.40
N PHE B 63 14.14 -25.54 -5.26
CA PHE B 63 14.59 -24.17 -4.93
C PHE B 63 13.91 -23.71 -3.65
N PHE B 64 12.63 -23.92 -3.55
CA PHE B 64 11.92 -23.56 -2.36
C PHE B 64 12.51 -24.31 -1.12
N ASP B 65 12.70 -25.62 -1.23
CA ASP B 65 13.24 -26.36 -0.08
C ASP B 65 14.60 -25.81 0.37
N THR B 66 15.42 -25.50 -0.63
CA THR B 66 16.81 -25.18 -0.42
C THR B 66 17.01 -23.78 0.06
N HIS B 67 16.40 -22.80 -0.58
CA HIS B 67 16.70 -21.43 -0.22
C HIS B 67 15.55 -20.81 0.56
N ILE B 68 14.37 -21.42 0.58
CA ILE B 68 13.29 -20.78 1.31
C ILE B 68 12.89 -21.52 2.57
N ALA B 69 12.46 -22.79 2.45
CA ALA B 69 12.06 -23.62 3.61
C ALA B 69 13.14 -23.65 4.69
N ALA B 70 14.40 -23.65 4.25
CA ALA B 70 15.56 -23.73 5.12
C ALA B 70 15.72 -22.48 5.98
N ASN B 71 15.70 -21.32 5.32
CA ASN B 71 15.96 -20.01 5.95
C ASN B 71 14.74 -19.36 6.63
N ARG B 72 15.01 -18.29 7.38
CA ARG B 72 13.99 -17.49 7.99
C ARG B 72 13.76 -16.24 7.12
N LEU B 73 13.27 -16.44 5.90
CA LEU B 73 13.12 -15.34 4.93
C LEU B 73 11.87 -14.52 5.14
N THR B 74 12.01 -13.21 5.26
CA THR B 74 10.86 -12.30 5.19
C THR B 74 10.97 -11.22 4.07
N VAL B 75 9.80 -10.71 3.64
CA VAL B 75 9.68 -9.73 2.56
C VAL B 75 9.04 -8.47 3.05
N THR B 76 9.70 -7.36 2.80
CA THR B 76 9.10 -6.09 3.11
C THR B 76 8.84 -5.39 1.77
N CYS B 77 7.65 -4.87 1.58
CA CYS B 77 7.36 -4.21 0.32
C CYS B 77 7.53 -2.73 0.53
N GLU B 78 8.50 -2.13 -0.16
CA GLU B 78 8.77 -0.70 -0.07
C GLU B 78 7.88 0.17 -0.99
N GLU B 79 7.75 -0.25 -2.26
CA GLU B 79 6.97 0.45 -3.20
C GLU B 79 6.48 -0.53 -4.29
N THR B 80 5.25 -0.28 -4.73
CA THR B 80 4.61 -0.99 -5.85
C THR B 80 4.42 -0.11 -7.04
N PHE B 81 4.77 -0.64 -8.22
CA PHE B 81 4.59 0.05 -9.51
C PHE B 81 3.68 -0.72 -10.47
N PRO B 82 2.38 -0.40 -10.52
CA PRO B 82 1.48 -1.08 -11.50
C PRO B 82 2.00 -0.82 -12.95
N SER B 83 1.67 -1.68 -13.92
CA SER B 83 1.89 -1.28 -15.33
C SER B 83 0.50 -0.91 -15.88
N SER B 84 0.32 -0.97 -17.19
CA SER B 84 -1.05 -0.80 -17.73
C SER B 84 -1.70 -2.18 -18.04
N SER B 85 -1.02 -3.24 -17.66
CA SER B 85 -1.52 -4.59 -17.69
C SER B 85 -1.82 -5.05 -16.29
N PRO B 86 -3.01 -5.62 -16.05
CA PRO B 86 -3.34 -6.26 -14.75
C PRO B 86 -2.51 -7.47 -14.40
N ASP B 87 -1.86 -8.00 -15.41
CA ASP B 87 -1.11 -9.17 -15.28
C ASP B 87 0.41 -8.95 -15.07
N GLU B 88 0.88 -7.71 -15.02
CA GLU B 88 2.32 -7.51 -14.82
C GLU B 88 2.56 -6.36 -13.88
N ILE B 89 3.50 -6.53 -12.92
CA ILE B 89 3.67 -5.55 -11.86
C ILE B 89 5.12 -5.58 -11.41
N ALA B 90 5.61 -4.45 -10.88
CA ALA B 90 6.99 -4.33 -10.34
C ALA B 90 6.92 -3.80 -8.91
N HIS B 91 7.86 -4.27 -8.08
CA HIS B 91 7.92 -3.79 -6.70
C HIS B 91 9.37 -3.48 -6.32
N ILE B 92 9.56 -2.51 -5.44
CA ILE B 92 10.84 -2.45 -4.69
C ILE B 92 10.60 -3.26 -3.41
N LEU B 93 11.41 -4.30 -3.18
CA LEU B 93 11.25 -5.13 -1.99
C LEU B 93 12.57 -5.24 -1.22
N VAL B 94 12.44 -5.49 0.08
CA VAL B 94 13.62 -5.84 0.87
C VAL B 94 13.47 -7.26 1.38
N LEU B 95 14.43 -8.10 1.02
CA LEU B 95 14.46 -9.48 1.47
C LEU B 95 15.31 -9.57 2.75
N HIS B 96 14.74 -10.19 3.77
CA HIS B 96 15.39 -10.37 5.08
C HIS B 96 15.56 -11.86 5.35
N SER B 97 16.79 -12.23 5.65
CA SER B 97 17.14 -13.60 5.97
C SER B 97 17.65 -13.47 7.41
N GLU B 98 17.28 -14.38 8.29
CA GLU B 98 17.63 -14.20 9.70
C GLU B 98 18.40 -15.43 10.20
N PHE B 99 19.57 -15.19 10.78
CA PHE B 99 20.44 -16.28 11.27
C PHE B 99 20.33 -16.47 12.79
N ASP B 100 20.86 -17.57 13.28
CA ASP B 100 20.91 -17.77 14.74
C ASP B 100 21.92 -16.81 15.34
N GLY B 101 21.55 -16.25 16.49
CA GLY B 101 22.42 -15.36 17.23
C GLY B 101 22.21 -13.91 16.90
N GLY B 102 21.07 -13.63 16.26
CA GLY B 102 20.67 -12.26 15.97
C GLY B 102 21.08 -11.71 14.63
N PHE B 103 21.78 -12.51 13.82
CA PHE B 103 22.35 -11.98 12.58
C PHE B 103 21.33 -12.01 11.40
N THR B 104 21.36 -10.98 10.58
CA THR B 104 20.40 -10.85 9.48
C THR B 104 21.16 -10.39 8.22
N SER B 105 20.79 -10.90 7.05
CA SER B 105 21.28 -10.31 5.82
C SER B 105 20.07 -9.65 5.15
N GLU B 106 20.33 -8.57 4.43
CA GLU B 106 19.30 -8.05 3.52
C GLU B 106 19.73 -7.66 2.14
N VAL B 107 18.74 -7.65 1.26
CA VAL B 107 18.94 -7.19 -0.12
C VAL B 107 17.68 -6.51 -0.54
N ARG B 108 17.89 -5.30 -1.06
CA ARG B 108 16.83 -4.43 -1.54
C ARG B 108 16.98 -4.39 -3.09
N GLY B 109 15.89 -4.75 -3.79
CA GLY B 109 15.94 -4.90 -5.22
C GLY B 109 14.62 -4.59 -5.88
N VAL B 110 14.65 -4.56 -7.19
CA VAL B 110 13.40 -4.47 -7.97
C VAL B 110 13.03 -5.90 -8.37
N PHE B 111 11.78 -6.25 -8.14
CA PHE B 111 11.21 -7.59 -8.43
C PHE B 111 10.03 -7.45 -9.38
N THR B 112 10.09 -8.13 -10.52
CA THR B 112 8.97 -8.03 -11.40
C THR B 112 8.20 -9.36 -11.41
N TYR B 113 6.86 -9.30 -11.59
CA TYR B 113 6.02 -10.48 -11.58
C TYR B 113 5.13 -10.38 -12.82
N ARG B 114 5.02 -11.51 -13.51
CA ARG B 114 4.03 -11.66 -14.61
C ARG B 114 3.18 -12.88 -14.26
N VAL B 115 1.87 -12.76 -14.41
CA VAL B 115 0.98 -13.94 -14.32
C VAL B 115 0.35 -14.22 -15.71
N ASN B 116 -0.20 -15.43 -15.91
CA ASN B 116 -0.89 -15.77 -17.15
C ASN B 116 -2.31 -15.30 -17.03
N LYS B 117 -3.17 -15.69 -17.98
CA LYS B 117 -4.55 -15.21 -17.90
C LYS B 117 -5.38 -15.87 -16.80
N ALA B 118 -5.00 -17.06 -16.35
CA ALA B 118 -5.67 -17.63 -15.22
C ALA B 118 -5.12 -17.09 -13.90
N GLY B 119 -4.07 -16.26 -13.90
CA GLY B 119 -3.69 -15.57 -12.63
C GLY B 119 -2.53 -16.21 -11.92
N LEU B 120 -1.88 -17.13 -12.61
CA LEU B 120 -0.75 -17.89 -12.09
C LEU B 120 0.57 -17.26 -12.55
N ILE B 121 1.54 -17.27 -11.63
CA ILE B 121 2.89 -16.76 -11.86
C ILE B 121 3.64 -17.52 -12.90
N THR B 122 3.95 -16.84 -14.00
CA THR B 122 4.85 -17.38 -15.01
C THR B 122 6.29 -16.86 -14.88
N ASN B 123 6.46 -15.71 -14.22
CA ASN B 123 7.79 -15.06 -14.19
C ASN B 123 7.98 -14.31 -12.91
N MET B 124 9.10 -14.55 -12.24
CA MET B 124 9.44 -13.74 -11.04
C MET B 124 10.85 -13.39 -11.21
N ARG B 125 11.20 -12.08 -11.30
CA ARG B 125 12.52 -11.69 -11.78
C ARG B 125 13.15 -10.65 -10.85
N GLY B 126 14.35 -10.90 -10.39
CA GLY B 126 14.92 -10.01 -9.32
C GLY B 126 16.11 -9.24 -9.82
N TYR B 127 16.05 -7.90 -9.71
CA TYR B 127 17.21 -7.04 -10.11
C TYR B 127 17.98 -6.76 -8.83
N TRP B 128 18.94 -7.63 -8.54
CA TRP B 128 19.85 -7.43 -7.39
C TRP B 128 21.05 -8.27 -7.66
N ASN B 129 22.11 -7.92 -6.95
CA ASN B 129 23.30 -8.78 -6.85
C ASN B 129 23.92 -8.64 -5.43
N LEU B 130 25.06 -9.31 -5.27
CA LEU B 130 25.76 -9.36 -3.99
C LEU B 130 26.26 -8.02 -3.47
N ASP B 131 26.67 -7.12 -4.35
CA ASP B 131 27.06 -5.79 -3.92
C ASP B 131 25.90 -5.06 -3.35
N MET B 132 24.71 -5.61 -3.47
CA MET B 132 23.60 -4.92 -2.85
C MET B 132 23.16 -5.55 -1.51
N MET B 133 23.82 -6.63 -1.14
CA MET B 133 23.49 -7.34 0.08
C MET B 133 24.20 -6.72 1.29
N THR B 134 23.48 -6.54 2.40
CA THR B 134 24.05 -6.10 3.65
C THR B 134 23.85 -7.20 4.68
N PHE B 135 24.60 -7.09 5.78
CA PHE B 135 24.68 -8.14 6.81
C PHE B 135 24.77 -7.41 8.14
N GLY B 136 23.95 -7.78 9.10
CA GLY B 136 24.00 -7.11 10.40
C GLY B 136 23.38 -7.96 11.47
N GLN C 3 -24.38 -13.37 31.26
CA GLN C 3 -24.74 -11.93 31.31
C GLN C 3 -23.51 -11.10 31.71
N THR C 4 -22.92 -10.41 30.72
CA THR C 4 -21.78 -9.52 30.92
C THR C 4 -22.09 -8.03 31.21
N THR C 5 -21.12 -7.37 31.84
CA THR C 5 -21.02 -5.95 31.97
C THR C 5 -20.53 -5.42 30.59
N GLN C 6 -20.74 -4.15 30.23
CA GLN C 6 -20.18 -3.61 28.98
C GLN C 6 -19.68 -2.20 29.20
N SER C 7 -18.78 -1.73 28.33
CA SER C 7 -18.21 -0.40 28.48
C SER C 7 -19.30 0.58 28.12
N PRO C 8 -19.26 1.82 28.66
CA PRO C 8 -20.24 2.87 28.23
C PRO C 8 -20.28 3.09 26.70
N ALA C 9 -19.09 3.03 26.07
CA ALA C 9 -18.97 3.19 24.60
C ALA C 9 -19.67 2.04 23.83
N LEU C 10 -19.56 0.80 24.29
CA LEU C 10 -20.30 -0.28 23.71
C LEU C 10 -21.81 -0.13 23.90
N ILE C 11 -22.26 0.20 25.12
CA ILE C 11 -23.67 0.51 25.38
C ILE C 11 -24.23 1.53 24.40
N ALA C 12 -23.52 2.65 24.25
CA ALA C 12 -23.91 3.76 23.38
C ALA C 12 -23.95 3.35 21.90
N SER C 13 -22.90 2.66 21.43
CA SER C 13 -22.86 2.03 20.09
C SER C 13 -24.12 1.23 19.86
N GLN C 14 -24.32 0.19 20.69
CA GLN C 14 -25.52 -0.68 20.55
C GLN C 14 -26.88 0.05 20.54
N SER C 15 -27.00 1.06 21.43
CA SER C 15 -28.23 1.80 21.54
C SER C 15 -28.43 2.76 20.35
N SER C 16 -27.36 3.34 19.83
CA SER C 16 -27.43 4.14 18.61
C SER C 16 -28.03 3.30 17.46
N TRP C 17 -27.47 2.11 17.24
CA TRP C 17 -27.97 1.20 16.20
C TRP C 17 -29.43 0.85 16.36
N ARG C 18 -29.83 0.62 17.61
CA ARG C 18 -31.20 0.20 17.89
C ARG C 18 -32.16 1.33 17.59
N CYS C 19 -31.80 2.54 18.00
CA CYS C 19 -32.66 3.71 17.80
C CYS C 19 -32.80 4.11 16.33
N VAL C 20 -31.70 4.09 15.56
CA VAL C 20 -31.79 4.41 14.13
C VAL C 20 -32.76 3.42 13.41
N GLN C 21 -32.68 2.14 13.74
CA GLN C 21 -33.53 1.12 13.13
C GLN C 21 -35.00 1.14 13.56
N ALA C 22 -35.27 1.62 14.79
CA ALA C 22 -36.65 1.78 15.28
C ALA C 22 -37.32 3.09 14.85
N HIS C 23 -36.52 4.01 14.29
CA HIS C 23 -36.96 5.34 13.89
C HIS C 23 -37.40 6.14 15.10
N ASP C 24 -36.62 5.94 16.16
CA ASP C 24 -36.87 6.57 17.43
C ASP C 24 -35.95 7.77 17.52
N ARG C 25 -36.43 8.91 17.03
CA ARG C 25 -35.68 10.14 16.94
C ARG C 25 -35.28 10.65 18.31
N GLU C 26 -36.24 10.73 19.21
CA GLU C 26 -35.96 11.28 20.54
C GLU C 26 -35.01 10.38 21.33
N GLY C 27 -35.18 9.06 21.20
CA GLY C 27 -34.27 8.11 21.85
C GLY C 27 -32.87 8.18 21.30
N TRP C 28 -32.72 8.30 19.96
CA TRP C 28 -31.39 8.58 19.36
C TRP C 28 -30.72 9.87 19.85
N LEU C 29 -31.46 10.96 19.95
CA LEU C 29 -30.82 12.22 20.41
C LEU C 29 -30.45 12.24 21.90
N ALA C 30 -31.14 11.41 22.67
CA ALA C 30 -31.01 11.31 24.12
C ALA C 30 -29.66 10.66 24.41
N LEU C 31 -29.19 9.89 23.43
CA LEU C 31 -27.89 9.24 23.43
C LEU C 31 -26.72 10.19 23.29
N MET C 32 -27.00 11.41 22.81
CA MET C 32 -26.01 12.43 22.40
C MET C 32 -25.71 13.50 23.42
N ALA C 33 -24.45 13.87 23.50
CA ALA C 33 -24.07 15.00 24.33
C ALA C 33 -24.50 16.29 23.59
N ASP C 34 -24.53 17.40 24.31
CA ASP C 34 -24.99 18.70 23.77
C ASP C 34 -24.09 19.19 22.62
N ASP C 35 -22.82 18.80 22.68
CA ASP C 35 -21.78 19.21 21.73
C ASP C 35 -21.35 18.09 20.84
N VAL C 36 -22.24 17.14 20.59
CA VAL C 36 -21.94 15.96 19.76
C VAL C 36 -21.57 16.42 18.35
N VAL C 37 -20.64 15.69 17.72
CA VAL C 37 -20.35 15.83 16.26
C VAL C 37 -20.49 14.46 15.57
N ILE C 38 -21.46 14.34 14.68
CA ILE C 38 -21.58 13.15 13.84
C ILE C 38 -20.84 13.45 12.51
N GLU C 39 -19.75 12.72 12.24
CA GLU C 39 -19.06 12.68 10.91
C GLU C 39 -19.26 11.34 10.26
N ASP C 40 -20.43 11.12 9.65
CA ASP C 40 -20.86 9.83 9.08
C ASP C 40 -21.10 10.07 7.57
N PRO C 41 -20.02 10.02 6.76
CA PRO C 41 -18.62 9.62 7.03
C PRO C 41 -17.72 10.86 7.35
N ILE C 42 -16.46 10.62 7.71
CA ILE C 42 -15.50 11.74 7.87
C ILE C 42 -15.26 12.27 6.43
N GLY C 43 -15.14 13.60 6.27
CA GLY C 43 -14.92 14.22 4.95
C GLY C 43 -16.21 14.60 4.23
N LYS C 44 -16.08 15.50 3.24
CA LYS C 44 -17.21 15.95 2.46
C LYS C 44 -17.93 14.78 1.82
N SER C 45 -19.25 14.75 1.95
CA SER C 45 -20.07 13.72 1.32
C SER C 45 -21.54 14.15 1.48
N VAL C 46 -22.42 13.42 0.80
CA VAL C 46 -23.84 13.69 0.80
C VAL C 46 -24.30 13.96 2.25
N THR C 47 -24.12 12.93 3.10
CA THR C 47 -24.47 12.96 4.56
C THR C 47 -23.53 13.77 5.48
N ASN C 48 -22.46 14.33 4.92
CA ASN C 48 -21.51 15.27 5.61
C ASN C 48 -21.09 16.46 4.68
N PRO C 49 -22.06 17.31 4.26
CA PRO C 49 -21.85 18.32 3.19
C PRO C 49 -20.62 19.28 3.29
N ASP C 50 -20.37 19.93 4.45
CA ASP C 50 -19.16 20.74 4.62
C ASP C 50 -17.91 19.95 5.02
N GLY C 51 -18.08 18.65 5.31
CA GLY C 51 -16.95 17.82 5.73
C GLY C 51 -16.30 18.10 7.08
N SER C 52 -16.94 18.90 7.92
CA SER C 52 -16.49 19.13 9.29
C SER C 52 -17.45 18.45 10.30
N GLY C 53 -18.52 17.82 9.79
CA GLY C 53 -19.49 17.04 10.60
C GLY C 53 -20.82 17.73 10.90
N ILE C 54 -21.74 17.00 11.51
CA ILE C 54 -22.95 17.62 12.04
C ILE C 54 -22.76 17.88 13.53
N LYS C 55 -22.98 19.14 13.91
CA LYS C 55 -22.63 19.63 15.23
C LYS C 55 -23.81 20.08 16.11
N GLY C 56 -23.98 19.38 17.23
CA GLY C 56 -25.04 19.67 18.16
C GLY C 56 -26.30 18.89 17.88
N LYS C 57 -27.17 18.82 18.89
CA LYS C 57 -28.39 18.01 18.82
C LYS C 57 -29.42 18.49 17.83
N GLU C 58 -29.49 19.81 17.63
CA GLU C 58 -30.47 20.40 16.70
C GLU C 58 -30.24 19.92 15.25
N ALA C 59 -28.99 20.08 14.79
CA ALA C 59 -28.50 19.53 13.52
C ALA C 59 -28.54 17.99 13.36
N VAL C 60 -28.18 17.24 14.41
CA VAL C 60 -28.26 15.78 14.42
C VAL C 60 -29.70 15.26 14.24
N GLY C 61 -30.66 16.00 14.80
CA GLY C 61 -32.04 15.68 14.62
C GLY C 61 -32.48 15.98 13.20
N ALA C 62 -31.96 17.07 12.63
CA ALA C 62 -32.15 17.39 11.19
C ALA C 62 -31.53 16.32 10.31
N PHE C 63 -30.36 15.78 10.69
CA PHE C 63 -29.74 14.66 9.95
C PHE C 63 -30.63 13.42 9.93
N PHE C 64 -31.22 13.11 11.08
CA PHE C 64 -32.09 11.97 11.23
C PHE C 64 -33.31 12.20 10.32
N ASP C 65 -33.82 13.41 10.31
CA ASP C 65 -34.98 13.75 9.48
C ASP C 65 -34.74 13.49 7.99
N THR C 66 -33.57 13.93 7.52
CA THR C 66 -33.15 13.76 6.13
C THR C 66 -32.76 12.32 5.80
N HIS C 67 -31.83 11.75 6.58
CA HIS C 67 -31.22 10.51 6.09
C HIS C 67 -31.79 9.26 6.72
N ILE C 68 -32.59 9.42 7.77
CA ILE C 68 -33.05 8.24 8.51
C ILE C 68 -34.56 8.09 8.61
N ALA C 69 -35.30 9.18 8.77
CA ALA C 69 -36.75 9.08 8.96
C ALA C 69 -37.42 8.17 7.92
N ALA C 70 -37.14 8.41 6.64
CA ALA C 70 -37.84 7.71 5.55
C ALA C 70 -37.28 6.29 5.21
N ASN C 71 -36.12 5.97 5.78
CA ASN C 71 -35.25 4.85 5.36
C ASN C 71 -35.45 3.54 6.13
N ARG C 72 -35.94 2.48 5.48
CA ARG C 72 -35.91 1.15 6.11
C ARG C 72 -34.45 0.67 6.23
N LEU C 73 -33.82 1.09 7.33
CA LEU C 73 -32.37 0.98 7.53
C LEU C 73 -31.97 -0.21 8.42
N THR C 74 -31.01 -1.01 7.95
CA THR C 74 -30.48 -2.11 8.74
C THR C 74 -29.00 -1.86 9.05
N VAL C 75 -28.63 -2.00 10.33
CA VAL C 75 -27.22 -1.96 10.76
C VAL C 75 -26.81 -3.36 11.16
N THR C 76 -25.77 -3.87 10.51
CA THR C 76 -25.17 -5.13 10.91
C THR C 76 -23.80 -4.82 11.54
N CYS C 77 -23.62 -5.27 12.78
CA CYS C 77 -22.30 -5.23 13.41
C CYS C 77 -21.51 -6.48 13.06
N GLU C 78 -20.47 -6.33 12.26
CA GLU C 78 -19.69 -7.48 11.86
C GLU C 78 -18.50 -7.79 12.82
N GLU C 79 -17.95 -6.76 13.46
CA GLU C 79 -16.85 -6.92 14.43
C GLU C 79 -16.63 -5.69 15.28
N THR C 80 -16.37 -5.92 16.57
CA THR C 80 -16.11 -4.85 17.52
C THR C 80 -14.66 -4.88 17.98
N PHE C 81 -14.11 -3.68 18.07
CA PHE C 81 -12.75 -3.46 18.55
C PHE C 81 -12.70 -2.52 19.76
N PRO C 82 -12.62 -3.08 21.00
CA PRO C 82 -12.39 -2.26 22.18
C PRO C 82 -11.05 -1.53 22.10
N SER C 83 -10.93 -0.39 22.78
CA SER C 83 -9.62 0.17 23.04
C SER C 83 -9.27 -0.17 24.51
N SER C 84 -8.38 0.61 25.09
CA SER C 84 -7.98 0.44 26.48
C SER C 84 -8.71 1.48 27.33
N SER C 85 -9.52 2.31 26.66
CA SER C 85 -10.50 3.18 27.27
C SER C 85 -11.91 2.62 27.18
N PRO C 86 -12.67 2.64 28.31
CA PRO C 86 -14.08 2.22 28.22
C PRO C 86 -14.97 3.24 27.48
N ASP C 87 -14.43 4.42 27.18
CA ASP C 87 -15.19 5.52 26.56
C ASP C 87 -14.99 5.65 25.04
N GLU C 88 -14.09 4.83 24.47
CA GLU C 88 -13.85 4.78 23.02
C GLU C 88 -13.79 3.35 22.52
N ILE C 89 -14.39 3.18 21.34
CA ILE C 89 -14.64 1.88 20.72
C ILE C 89 -14.74 2.02 19.18
N ALA C 90 -14.32 1.00 18.41
CA ALA C 90 -14.48 1.03 16.95
C ALA C 90 -15.23 -0.20 16.58
N HIS C 91 -16.05 -0.10 15.54
CA HIS C 91 -16.65 -1.31 14.93
C HIS C 91 -16.48 -1.36 13.42
N ILE C 92 -16.58 -2.58 12.88
CA ILE C 92 -16.91 -2.76 11.47
C ILE C 92 -18.41 -2.97 11.35
N LEU C 93 -19.05 -2.05 10.64
CA LEU C 93 -20.51 -2.13 10.41
C LEU C 93 -20.86 -2.17 8.95
N VAL C 94 -22.02 -2.73 8.66
CA VAL C 94 -22.63 -2.67 7.35
C VAL C 94 -23.94 -1.91 7.49
N LEU C 95 -24.06 -0.86 6.71
CA LEU C 95 -25.29 -0.07 6.62
C LEU C 95 -26.13 -0.46 5.40
N HIS C 96 -27.32 -1.03 5.61
CA HIS C 96 -28.24 -1.39 4.52
C HIS C 96 -29.48 -0.49 4.49
N SER C 97 -29.49 0.43 3.52
CA SER C 97 -30.57 1.39 3.32
C SER C 97 -31.53 0.91 2.28
N GLU C 98 -32.81 1.09 2.58
CA GLU C 98 -33.89 0.71 1.68
C GLU C 98 -34.92 1.81 1.64
N PHE C 99 -34.97 2.52 0.51
CA PHE C 99 -36.11 3.41 0.21
C PHE C 99 -36.80 3.04 -1.11
N GLY C 101 -40.15 4.13 -1.75
CA GLY C 101 -40.23 2.94 -2.60
C GLY C 101 -39.28 2.95 -3.79
N GLY C 102 -38.61 1.81 -4.04
CA GLY C 102 -37.73 1.64 -5.22
C GLY C 102 -36.40 0.92 -4.98
N PHE C 103 -35.37 1.70 -4.61
CA PHE C 103 -33.97 1.24 -4.55
C PHE C 103 -33.32 1.16 -3.13
N THR C 104 -32.21 0.43 -3.09
CA THR C 104 -31.44 0.17 -1.89
C THR C 104 -30.01 0.71 -2.01
N SER C 105 -29.23 0.57 -0.92
CA SER C 105 -27.77 0.74 -0.91
C SER C 105 -27.15 -0.01 0.28
N GLU C 106 -25.84 -0.20 0.22
CA GLU C 106 -25.13 -0.89 1.27
C GLU C 106 -23.70 -0.39 1.30
N VAL C 107 -23.20 -0.13 2.49
CA VAL C 107 -21.81 0.29 2.65
C VAL C 107 -21.23 -0.33 3.91
N ARG C 108 -20.00 -0.82 3.79
CA ARG C 108 -19.31 -1.46 4.89
C ARG C 108 -18.14 -0.57 5.29
N GLY C 109 -18.12 -0.15 6.57
CA GLY C 109 -17.12 0.80 7.08
C GLY C 109 -16.62 0.51 8.50
N VAL C 110 -15.61 1.27 8.91
CA VAL C 110 -15.12 1.30 10.28
C VAL C 110 -15.80 2.53 10.92
N PHE C 111 -16.42 2.33 12.07
CA PHE C 111 -17.12 3.44 12.79
C PHE C 111 -16.59 3.54 14.20
N THR C 112 -16.16 4.73 14.58
CA THR C 112 -15.63 4.98 15.92
C THR C 112 -16.61 5.85 16.79
N TYR C 113 -16.81 5.44 18.05
CA TYR C 113 -17.68 6.20 18.94
C TYR C 113 -16.85 6.61 20.13
N ARG C 114 -17.01 7.86 20.58
CA ARG C 114 -16.46 8.37 21.84
C ARG C 114 -17.61 8.88 22.71
N VAL C 115 -17.59 8.51 24.00
CA VAL C 115 -18.64 8.98 24.96
C VAL C 115 -17.98 9.81 26.07
N ASN C 116 -18.74 10.74 26.67
CA ASN C 116 -18.25 11.49 27.84
C ASN C 116 -18.38 10.66 29.17
N LYS C 117 -17.98 11.26 30.31
CA LYS C 117 -18.18 10.62 31.66
C LYS C 117 -19.61 10.13 31.99
N ALA C 118 -20.61 10.86 31.55
CA ALA C 118 -22.02 10.46 31.59
C ALA C 118 -22.46 9.29 30.69
N GLY C 119 -21.62 8.95 29.70
CA GLY C 119 -21.91 7.87 28.77
C GLY C 119 -22.58 8.35 27.48
N LEU C 120 -22.61 9.68 27.30
CA LEU C 120 -23.26 10.35 26.22
C LEU C 120 -22.28 10.53 25.03
N ILE C 121 -22.76 10.31 23.81
CA ILE C 121 -21.91 10.32 22.63
C ILE C 121 -21.49 11.77 22.33
N THR C 122 -20.18 12.00 22.29
CA THR C 122 -19.63 13.29 21.87
C THR C 122 -19.22 13.20 20.36
N ASN C 123 -18.75 12.02 19.90
CA ASN C 123 -18.18 11.87 18.55
C ASN C 123 -18.64 10.55 17.94
N MET C 124 -19.09 10.60 16.69
CA MET C 124 -19.31 9.41 15.87
C MET C 124 -18.70 9.61 14.47
N ARG C 125 -17.69 8.82 14.13
CA ARG C 125 -16.84 9.05 12.95
C ARG C 125 -16.80 7.77 12.11
N GLY C 126 -17.20 7.91 10.85
CA GLY C 126 -17.30 6.78 9.91
C GLY C 126 -16.25 6.82 8.79
N TYR C 127 -15.53 5.70 8.62
CA TYR C 127 -14.52 5.54 7.54
C TYR C 127 -15.16 4.73 6.42
N TRP C 128 -15.86 5.47 5.56
CA TRP C 128 -16.42 4.96 4.32
C TRP C 128 -16.48 6.10 3.30
N ASN C 129 -16.57 5.76 2.02
CA ASN C 129 -16.94 6.77 0.99
C ASN C 129 -17.94 6.20 0.04
N LEU C 130 -18.51 7.10 -0.73
CA LEU C 130 -19.58 6.77 -1.66
C LEU C 130 -19.10 5.75 -2.72
N ASP C 131 -17.81 5.80 -3.03
CA ASP C 131 -17.14 4.82 -3.85
C ASP C 131 -17.28 3.38 -3.36
N MET C 132 -17.34 3.17 -2.05
CA MET C 132 -17.41 1.85 -1.43
C MET C 132 -18.84 1.34 -1.32
N MET C 133 -19.81 2.21 -1.62
CA MET C 133 -21.22 1.88 -1.47
C MET C 133 -21.74 1.13 -2.72
N THR C 134 -22.43 0.02 -2.50
CA THR C 134 -23.10 -0.67 -3.59
C THR C 134 -24.56 -0.26 -3.61
N PHE C 135 -25.12 -0.12 -4.82
CA PHE C 135 -26.55 0.22 -4.97
C PHE C 135 -27.29 -0.85 -5.78
N GLY C 136 -27.51 -2.01 -5.16
CA GLY C 136 -28.25 -3.10 -5.80
C GLY C 136 -29.76 -2.89 -5.81
N SER D 7 -4.01 8.28 -1.55
CA SER D 7 -4.25 9.38 -0.56
C SER D 7 -3.03 9.64 0.34
N PRO D 8 -2.87 10.91 0.79
CA PRO D 8 -1.76 11.27 1.73
C PRO D 8 -1.79 10.41 3.03
N ALA D 9 -2.98 10.23 3.59
CA ALA D 9 -3.17 9.43 4.79
C ALA D 9 -2.76 7.97 4.54
N LEU D 10 -3.07 7.42 3.35
CA LEU D 10 -2.65 6.04 2.99
C LEU D 10 -1.14 5.91 2.84
N ILE D 11 -0.54 6.84 2.11
CA ILE D 11 0.92 6.98 2.03
C ILE D 11 1.47 6.97 3.45
N ALA D 12 1.19 8.01 4.22
CA ALA D 12 1.74 8.17 5.57
C ALA D 12 1.57 6.94 6.49
N SER D 13 0.42 6.25 6.43
CA SER D 13 0.26 5.08 7.30
C SER D 13 1.25 4.00 6.92
N GLN D 14 1.17 3.55 5.68
CA GLN D 14 2.10 2.57 5.04
C GLN D 14 3.59 2.87 5.24
N SER D 15 3.97 4.15 5.19
CA SER D 15 5.35 4.57 5.42
C SER D 15 5.76 4.37 6.86
N SER D 16 4.90 4.85 7.76
CA SER D 16 5.00 4.62 9.19
C SER D 16 5.32 3.15 9.51
N TRP D 17 4.54 2.22 8.96
CA TRP D 17 4.77 0.77 9.14
C TRP D 17 6.17 0.33 8.68
N ARG D 18 6.60 0.94 7.57
CA ARG D 18 7.90 0.66 6.98
C ARG D 18 9.05 1.18 7.88
N CYS D 19 9.03 2.45 8.27
CA CYS D 19 10.08 2.97 9.18
C CYS D 19 10.05 2.31 10.54
N VAL D 20 8.87 1.83 10.93
CA VAL D 20 8.72 1.02 12.14
C VAL D 20 9.38 -0.37 12.06
N GLN D 21 9.08 -1.15 11.03
CA GLN D 21 9.72 -2.48 10.88
C GLN D 21 11.24 -2.38 10.59
N ALA D 22 11.61 -1.33 9.87
CA ALA D 22 12.97 -1.10 9.39
C ALA D 22 13.79 -0.27 10.37
N HIS D 23 13.17 0.06 11.51
CA HIS D 23 13.89 0.67 12.65
C HIS D 23 14.53 2.02 12.32
N ASP D 24 13.97 2.73 11.33
CA ASP D 24 14.44 4.06 10.93
C ASP D 24 13.84 5.13 11.87
N ARG D 25 14.54 5.38 12.98
CA ARG D 25 14.13 6.38 13.98
C ARG D 25 13.90 7.75 13.36
N GLU D 26 14.85 8.17 12.53
CA GLU D 26 14.85 9.48 11.89
C GLU D 26 13.74 9.57 10.83
N GLY D 27 13.47 8.46 10.17
CA GLY D 27 12.47 8.40 9.09
C GLY D 27 11.05 8.42 9.63
N TRP D 28 10.81 7.59 10.64
CA TRP D 28 9.55 7.59 11.37
C TRP D 28 9.07 8.98 11.81
N LEU D 29 9.97 9.79 12.40
CA LEU D 29 9.64 11.15 12.89
C LEU D 29 9.43 12.18 11.79
N ALA D 30 10.13 12.03 10.66
CA ALA D 30 9.97 12.97 9.53
C ALA D 30 8.54 12.89 9.04
N LEU D 31 7.94 11.70 9.22
CA LEU D 31 6.51 11.48 8.98
C LEU D 31 5.58 12.28 9.91
N MET D 32 6.08 12.63 11.10
CA MET D 32 5.28 13.19 12.16
C MET D 32 5.17 14.71 12.06
N ALA D 33 3.94 15.22 12.23
CA ALA D 33 3.71 16.64 12.51
C ALA D 33 4.41 17.04 13.81
N ASP D 34 4.57 18.34 14.05
CA ASP D 34 5.33 18.76 15.22
C ASP D 34 4.53 18.60 16.54
N ASP D 35 3.20 18.67 16.44
CA ASP D 35 2.30 18.34 17.58
C ASP D 35 1.52 17.00 17.39
N VAL D 36 2.24 15.95 17.00
CA VAL D 36 1.67 14.61 16.84
C VAL D 36 1.21 14.06 18.19
N VAL D 37 0.05 13.40 18.20
CA VAL D 37 -0.35 12.63 19.38
C VAL D 37 -0.47 11.16 18.98
N ILE D 38 0.32 10.31 19.61
CA ILE D 38 0.13 8.88 19.41
C ILE D 38 -0.61 8.25 20.59
N GLU D 39 -1.73 7.60 20.29
CA GLU D 39 -2.47 6.88 21.30
C GLU D 39 -2.59 5.47 20.83
N ASP D 40 -1.57 4.68 21.16
CA ASP D 40 -1.45 3.31 20.69
C ASP D 40 -1.17 2.36 21.89
N PRO D 41 -2.25 1.88 22.56
CA PRO D 41 -3.65 2.15 22.14
C PRO D 41 -4.26 3.43 22.77
N ILE D 42 -5.51 3.71 22.43
CA ILE D 42 -6.32 4.68 23.18
C ILE D 42 -6.59 4.15 24.60
N GLY D 43 -6.36 4.99 25.61
CA GLY D 43 -6.60 4.62 27.01
C GLY D 43 -5.31 4.19 27.69
N LYS D 44 -5.37 3.88 28.99
CA LYS D 44 -4.14 3.57 29.72
C LYS D 44 -3.70 2.16 29.45
N SER D 45 -2.43 2.03 29.05
CA SER D 45 -1.77 0.72 28.76
C SER D 45 -0.26 0.89 28.97
N VAL D 46 0.52 -0.19 28.85
CA VAL D 46 1.99 -0.07 28.90
C VAL D 46 2.49 1.07 27.98
N THR D 47 1.93 1.11 26.74
CA THR D 47 2.35 2.01 25.64
C THR D 47 1.65 3.38 25.65
N ASN D 48 0.69 3.54 26.56
CA ASN D 48 0.05 4.83 26.80
C ASN D 48 -0.15 4.98 28.31
N PRO D 49 0.94 5.32 29.05
CA PRO D 49 0.91 5.28 30.52
C PRO D 49 -0.11 6.16 31.22
N ASP D 50 -0.34 7.37 30.72
CA ASP D 50 -1.36 8.28 31.31
C ASP D 50 -2.75 8.27 30.61
N GLY D 51 -2.91 7.42 29.59
CA GLY D 51 -4.10 7.37 28.77
C GLY D 51 -4.34 8.58 27.88
N SER D 52 -3.44 9.57 27.91
CA SER D 52 -3.69 10.75 27.11
C SER D 52 -2.88 10.81 25.78
N GLY D 53 -2.10 9.76 25.49
CA GLY D 53 -1.26 9.70 24.30
C GLY D 53 0.19 10.15 24.47
N ILE D 54 0.99 9.97 23.41
CA ILE D 54 2.39 10.46 23.39
C ILE D 54 2.44 11.76 22.58
N LYS D 55 2.86 12.86 23.21
CA LYS D 55 2.71 14.22 22.64
C LYS D 55 4.01 14.92 22.14
N GLY D 56 4.05 15.19 20.83
CA GLY D 56 5.19 15.85 20.15
C GLY D 56 6.31 14.95 19.64
N LYS D 57 7.07 15.44 18.64
CA LYS D 57 8.22 14.71 18.05
C LYS D 57 9.22 14.08 19.07
N GLU D 58 9.46 14.80 20.18
CA GLU D 58 10.36 14.37 21.24
C GLU D 58 9.87 13.13 22.02
N ALA D 59 8.63 13.19 22.52
CA ALA D 59 8.04 12.10 23.33
C ALA D 59 7.87 10.81 22.51
N VAL D 60 7.55 11.01 21.23
CA VAL D 60 7.43 9.94 20.24
C VAL D 60 8.83 9.37 19.98
N GLY D 61 9.82 10.26 19.88
CA GLY D 61 11.21 9.85 19.87
C GLY D 61 11.47 8.80 20.93
N ALA D 62 11.20 9.17 22.19
CA ALA D 62 11.35 8.25 23.34
C ALA D 62 10.46 7.01 23.27
N PHE D 63 9.32 7.16 22.60
CA PHE D 63 8.42 6.05 22.32
C PHE D 63 9.12 5.00 21.45
N PHE D 64 9.80 5.49 20.41
CA PHE D 64 10.62 4.67 19.51
C PHE D 64 11.65 3.83 20.27
N ASP D 65 12.49 4.52 21.04
CA ASP D 65 13.57 3.89 21.82
C ASP D 65 12.99 2.80 22.73
N THR D 66 11.85 3.09 23.36
CA THR D 66 11.30 2.26 24.43
C THR D 66 10.66 0.99 23.94
N HIS D 67 9.82 1.10 22.90
CA HIS D 67 9.00 -0.02 22.38
C HIS D 67 9.39 -0.58 21.00
N ILE D 68 9.91 0.27 20.12
CA ILE D 68 10.25 -0.16 18.74
C ILE D 68 11.72 -0.56 18.56
N ALA D 69 12.64 0.30 18.98
CA ALA D 69 14.07 0.06 18.77
C ALA D 69 14.53 -1.24 19.42
N ALA D 70 13.83 -1.67 20.48
CA ALA D 70 14.12 -2.93 21.14
C ALA D 70 13.49 -4.13 20.41
N ASN D 71 12.59 -3.85 19.47
CA ASN D 71 11.56 -4.79 18.99
C ASN D 71 11.75 -5.35 17.56
N ARG D 72 11.53 -6.65 17.39
CA ARG D 72 11.50 -7.27 16.06
C ARG D 72 10.04 -7.33 15.54
N LEU D 73 9.57 -6.17 15.09
CA LEU D 73 8.15 -5.92 14.80
C LEU D 73 7.72 -6.20 13.36
N THR D 74 6.65 -6.97 13.22
CA THR D 74 5.97 -7.15 11.94
C THR D 74 4.58 -6.48 12.01
N VAL D 75 4.35 -5.50 11.13
CA VAL D 75 3.02 -4.97 10.87
C VAL D 75 2.40 -5.77 9.72
N THR D 76 1.19 -6.30 9.91
CA THR D 76 0.46 -6.87 8.78
C THR D 76 -0.82 -6.07 8.58
N CYS D 77 -0.88 -5.28 7.49
CA CYS D 77 -2.16 -4.66 7.10
C CYS D 77 -3.16 -5.66 6.52
N GLU D 78 -4.14 -6.04 7.33
CA GLU D 78 -5.18 -6.94 6.88
C GLU D 78 -6.28 -6.29 6.02
N GLU D 79 -6.59 -5.01 6.25
CA GLU D 79 -7.64 -4.32 5.45
C GLU D 79 -7.60 -2.85 5.64
N THR D 80 -8.00 -2.12 4.60
CA THR D 80 -8.03 -0.68 4.65
C THR D 80 -9.48 -0.21 4.48
N PHE D 81 -9.78 0.87 5.21
CA PHE D 81 -11.06 1.59 5.20
C PHE D 81 -10.79 3.08 5.02
N PRO D 82 -10.91 3.53 3.76
CA PRO D 82 -10.77 4.93 3.40
C PRO D 82 -11.96 5.69 3.96
N SER D 83 -11.78 6.95 4.31
CA SER D 83 -12.93 7.82 4.56
C SER D 83 -13.28 8.61 3.26
N SER D 84 -13.98 9.74 3.40
CA SER D 84 -14.22 10.72 2.34
C SER D 84 -13.31 11.94 2.52
N SER D 85 -12.39 11.86 3.48
CA SER D 85 -11.28 12.78 3.50
C SER D 85 -10.04 12.02 3.01
N PRO D 86 -9.23 12.66 2.11
CA PRO D 86 -7.91 12.14 1.72
C PRO D 86 -6.93 12.09 2.90
N ASP D 87 -7.27 12.82 3.98
CA ASP D 87 -6.41 13.04 5.15
C ASP D 87 -6.71 12.14 6.37
N GLU D 88 -7.67 11.22 6.23
CA GLU D 88 -8.02 10.32 7.32
C GLU D 88 -8.38 8.92 6.81
N ILE D 89 -7.75 7.93 7.43
CA ILE D 89 -7.82 6.54 7.04
C ILE D 89 -7.86 5.59 8.27
N ALA D 90 -8.48 4.42 8.09
CA ALA D 90 -8.53 3.43 9.14
C ALA D 90 -8.03 2.12 8.56
N HIS D 91 -7.43 1.27 9.38
CA HIS D 91 -7.01 -0.06 8.96
C HIS D 91 -7.25 -1.08 10.05
N ILE D 92 -7.40 -2.35 9.66
CA ILE D 92 -7.16 -3.44 10.58
C ILE D 92 -5.68 -3.87 10.35
N LEU D 93 -4.91 -3.89 11.45
CA LEU D 93 -3.52 -4.33 11.50
C LEU D 93 -3.34 -5.50 12.51
N VAL D 94 -2.43 -6.41 12.18
CA VAL D 94 -1.94 -7.37 13.16
C VAL D 94 -0.55 -6.90 13.54
N LEU D 95 -0.33 -6.66 14.82
CA LEU D 95 0.95 -6.17 15.32
C LEU D 95 1.67 -7.32 16.00
N HIS D 96 2.83 -7.67 15.44
CA HIS D 96 3.61 -8.82 15.86
C HIS D 96 4.98 -8.42 16.39
N SER D 97 5.24 -8.80 17.64
CA SER D 97 6.37 -8.29 18.41
C SER D 97 7.30 -9.38 18.89
N GLU D 98 8.58 -9.04 18.98
CA GLU D 98 9.63 -9.98 19.41
C GLU D 98 10.81 -9.20 19.99
N PHE D 99 11.17 -9.49 21.23
CA PHE D 99 12.39 -8.92 21.83
C PHE D 99 13.41 -10.06 22.09
N PHE D 103 10.24 -14.71 22.93
CA PHE D 103 8.95 -14.11 23.43
C PHE D 103 8.23 -13.20 22.43
N THR D 104 7.14 -13.74 21.91
CA THR D 104 6.29 -13.05 20.96
C THR D 104 5.02 -12.50 21.61
N SER D 105 4.53 -11.38 21.09
CA SER D 105 3.17 -10.91 21.35
C SER D 105 2.53 -10.54 20.01
N GLU D 106 1.21 -10.64 19.96
CA GLU D 106 0.46 -10.26 18.77
C GLU D 106 -0.87 -9.65 19.17
N VAL D 107 -1.23 -8.54 18.51
CA VAL D 107 -2.55 -7.92 18.67
C VAL D 107 -3.10 -7.42 17.33
N ARG D 108 -4.37 -7.71 17.09
CA ARG D 108 -5.06 -7.26 15.90
C ARG D 108 -6.05 -6.16 16.34
N GLY D 109 -5.96 -4.99 15.72
CA GLY D 109 -6.92 -3.94 16.00
C GLY D 109 -7.17 -2.96 14.86
N VAL D 110 -8.12 -2.06 15.07
CA VAL D 110 -8.31 -0.90 14.20
C VAL D 110 -7.36 0.21 14.63
N PHE D 111 -6.76 0.84 13.62
CA PHE D 111 -5.79 1.87 13.81
C PHE D 111 -6.22 2.94 12.85
N THR D 112 -6.24 4.19 13.30
CA THR D 112 -6.69 5.30 12.49
C THR D 112 -5.57 6.35 12.42
N TYR D 113 -5.54 7.15 11.33
CA TYR D 113 -4.46 8.12 11.12
C TYR D 113 -5.04 9.40 10.63
N ARG D 114 -4.48 10.49 11.12
CA ARG D 114 -4.82 11.79 10.62
C ARG D 114 -3.52 12.55 10.27
N VAL D 115 -3.50 13.13 9.08
CA VAL D 115 -2.40 13.92 8.57
C VAL D 115 -2.93 15.33 8.39
N ASN D 116 -2.10 16.32 8.69
CA ASN D 116 -2.45 17.72 8.37
C ASN D 116 -2.38 17.99 6.82
N LYS D 117 -2.42 19.26 6.40
CA LYS D 117 -2.43 19.56 4.95
C LYS D 117 -1.05 19.49 4.27
N ALA D 118 0.02 19.52 5.07
CA ALA D 118 1.37 19.14 4.63
C ALA D 118 1.51 17.66 4.27
N GLY D 119 0.56 16.83 4.69
CA GLY D 119 0.66 15.38 4.57
C GLY D 119 1.40 14.72 5.74
N LEU D 120 1.68 15.51 6.79
CA LEU D 120 2.32 15.01 8.03
C LEU D 120 1.30 14.46 9.06
N ILE D 121 1.71 13.46 9.86
CA ILE D 121 0.88 12.75 10.87
C ILE D 121 0.62 13.54 12.17
N THR D 122 -0.62 13.94 12.39
CA THR D 122 -1.01 14.60 13.66
C THR D 122 -1.51 13.61 14.72
N ASN D 123 -2.21 12.56 14.27
CA ASN D 123 -2.83 11.57 15.17
C ASN D 123 -2.70 10.17 14.65
N MET D 124 -2.36 9.27 15.57
CA MET D 124 -2.35 7.87 15.30
C MET D 124 -3.05 7.19 16.47
N ARG D 125 -4.11 6.45 16.19
CA ARG D 125 -4.98 5.94 17.27
C ARG D 125 -5.31 4.49 17.12
N GLY D 126 -5.05 3.71 18.15
CA GLY D 126 -5.24 2.25 18.10
C GLY D 126 -6.33 1.73 19.00
N TYR D 127 -7.24 0.95 18.43
CA TYR D 127 -8.30 0.37 19.21
C TYR D 127 -7.92 -1.07 19.47
N TRP D 128 -7.09 -1.26 20.50
CA TRP D 128 -6.83 -2.58 21.03
C TRP D 128 -6.57 -2.44 22.55
N ASN D 129 -6.52 -3.58 23.23
CA ASN D 129 -6.04 -3.59 24.64
C ASN D 129 -5.25 -4.86 24.93
N LEU D 130 -4.49 -4.90 26.03
CA LEU D 130 -3.70 -6.13 26.40
C LEU D 130 -4.56 -7.39 26.55
N ASP D 131 -5.85 -7.23 26.83
CA ASP D 131 -6.78 -8.36 26.81
C ASP D 131 -6.98 -9.07 25.46
N MET D 132 -6.76 -8.33 24.38
CA MET D 132 -6.92 -8.83 23.00
C MET D 132 -5.64 -9.45 22.46
N MET D 133 -4.57 -9.27 23.23
CA MET D 133 -3.23 -9.63 22.82
C MET D 133 -2.99 -11.08 23.20
N THR D 134 -2.31 -11.79 22.31
CA THR D 134 -1.86 -13.16 22.56
C THR D 134 -0.33 -13.18 22.66
N PHE D 135 0.19 -14.21 23.32
CA PHE D 135 1.62 -14.23 23.60
C PHE D 135 2.33 -15.50 23.16
#